data_3NXB
#
_entry.id   3NXB
#
_cell.length_a   127.160
_cell.length_b   45.510
_cell.length_c   45.590
_cell.angle_alpha   90.000
_cell.angle_beta   105.670
_cell.angle_gamma   90.000
#
_symmetry.space_group_name_H-M   'C 1 2 1'
#
loop_
_entity.id
_entity.type
_entity.pdbx_description
1 polymer 'Cat eye syndrome critical region protein 2'
2 non-polymer 1,2-ETHANEDIOL
3 water water
#
_entity_poly.entity_id   1
_entity_poly.type   'polypeptide(L)'
_entity_poly.pdbx_seq_one_letter_code
;SMREEKKTKDLFELDDDFTAMYKVLDVVKAHKDSWPFLEPVDESYAPNYYQIIKAPMDISSMEKKLNGGLYCTKEEFVND
MKTMFRNCRKYNGESSEYTKMSDNLERCFHRAMMKH
;
_entity_poly.pdbx_strand_id   A,B
#
loop_
_chem_comp.id
_chem_comp.type
_chem_comp.name
_chem_comp.formula
EDO non-polymer 1,2-ETHANEDIOL 'C2 H6 O2'
#
# COMPACT_ATOMS: atom_id res chain seq x y z
N ASP A 15 9.86 24.41 -12.47
CA ASP A 15 10.28 24.16 -11.06
C ASP A 15 10.50 22.67 -10.79
N ASP A 16 11.32 22.38 -9.77
CA ASP A 16 11.78 21.02 -9.48
C ASP A 16 10.67 20.17 -8.87
N ASP A 17 10.88 18.86 -8.80
CA ASP A 17 9.86 17.91 -8.34
C ASP A 17 9.36 18.19 -6.91
N PHE A 18 10.28 18.51 -6.00
CA PHE A 18 9.93 18.83 -4.62
C PHE A 18 8.91 19.98 -4.56
N THR A 19 9.22 21.10 -5.21
CA THR A 19 8.32 22.25 -5.28
C THR A 19 7.00 21.90 -5.99
N ALA A 20 7.10 21.20 -7.11
CA ALA A 20 5.91 20.72 -7.81
C ALA A 20 4.95 19.90 -6.90
N MET A 21 5.51 18.89 -6.21
CA MET A 21 4.72 18.09 -5.27
C MET A 21 4.15 18.95 -4.12
N TYR A 22 4.95 19.85 -3.59
CA TYR A 22 4.49 20.68 -2.50
C TYR A 22 3.36 21.59 -2.95
N LYS A 23 3.43 22.07 -4.18
CA LYS A 23 2.30 22.89 -4.69
C LYS A 23 0.99 22.06 -4.77
N VAL A 24 1.10 20.81 -5.21
CA VAL A 24 -0.04 19.91 -5.24
C VAL A 24 -0.59 19.70 -3.84
N LEU A 25 0.25 19.43 -2.84
CA LEU A 25 -0.22 19.35 -1.45
C LEU A 25 -0.94 20.56 -1.03
N ASP A 26 -0.40 21.73 -1.36
CA ASP A 26 -1.06 22.98 -0.97
C ASP A 26 -2.45 23.09 -1.59
N VAL A 27 -2.60 22.72 -2.87
CA VAL A 27 -3.92 22.76 -3.51
C VAL A 27 -4.90 21.81 -2.82
N VAL A 28 -4.44 20.58 -2.57
CA VAL A 28 -5.26 19.59 -1.86
C VAL A 28 -5.63 20.05 -0.44
N LYS A 29 -4.65 20.55 0.33
CA LYS A 29 -4.93 21.01 1.68
C LYS A 29 -5.90 22.21 1.68
N ALA A 30 -5.82 23.07 0.67
CA ALA A 30 -6.69 24.26 0.58
C ALA A 30 -8.14 23.90 0.22
N HIS A 31 -8.38 22.74 -0.38
CA HIS A 31 -9.73 22.34 -0.79
C HIS A 31 -10.62 22.18 0.43
N LYS A 32 -11.86 22.62 0.29
CA LYS A 32 -12.84 22.55 1.37
C LYS A 32 -13.06 21.16 1.94
N ASP A 33 -12.82 20.09 1.18
CA ASP A 33 -13.14 18.77 1.70
C ASP A 33 -11.90 18.06 2.27
N SER A 34 -10.79 18.77 2.45
CA SER A 34 -9.55 18.12 2.90
C SER A 34 -9.45 17.79 4.40
N TRP A 35 -10.28 18.42 5.21
CA TRP A 35 -10.04 18.46 6.66
C TRP A 35 -10.04 17.09 7.33
N PRO A 36 -10.85 16.12 6.88
CA PRO A 36 -10.75 14.79 7.51
C PRO A 36 -9.43 14.02 7.29
N PHE A 37 -8.65 14.47 6.33
CA PHE A 37 -7.47 13.78 5.85
C PHE A 37 -6.14 14.43 6.28
N LEU A 38 -6.23 15.44 7.15
CA LEU A 38 -5.10 16.30 7.48
C LEU A 38 -4.12 15.59 8.42
N GLU A 39 -4.59 14.67 9.26
CA GLU A 39 -3.79 14.07 10.35
C GLU A 39 -3.99 12.55 10.37
N PRO A 40 -3.12 11.82 11.06
CA PRO A 40 -3.36 10.36 11.14
C PRO A 40 -4.71 10.04 11.74
N VAL A 41 -5.36 9.03 11.21
CA VAL A 41 -6.66 8.59 11.68
C VAL A 41 -6.57 8.20 13.15
N ASP A 42 -7.59 8.62 13.87
CA ASP A 42 -7.69 8.43 15.29
C ASP A 42 -8.84 7.47 15.50
N GLU A 43 -8.59 6.38 16.22
CA GLU A 43 -9.65 5.41 16.53
C GLU A 43 -10.78 5.91 17.45
N SER A 44 -10.60 7.09 18.04
CA SER A 44 -11.68 7.72 18.82
C SER A 44 -12.93 7.89 17.96
N TYR A 45 -12.74 8.25 16.69
CA TYR A 45 -13.89 8.34 15.77
C TYR A 45 -13.95 7.21 14.73
N ALA A 46 -12.91 6.38 14.66
CA ALA A 46 -12.81 5.29 13.67
C ALA A 46 -12.40 4.01 14.36
N PRO A 47 -13.33 3.35 15.06
CA PRO A 47 -12.99 2.12 15.77
C PRO A 47 -12.49 1.04 14.84
N ASN A 48 -11.49 0.29 15.31
CA ASN A 48 -10.87 -0.80 14.59
C ASN A 48 -10.14 -0.41 13.30
N TYR A 49 -9.92 0.89 13.09
CA TYR A 49 -9.28 1.39 11.87
C TYR A 49 -7.98 0.63 11.54
N TYR A 50 -7.06 0.53 12.49
CA TYR A 50 -5.75 -0.05 12.20
C TYR A 50 -5.76 -1.61 12.08
N GLN A 51 -6.82 -2.27 12.53
CA GLN A 51 -7.02 -3.70 12.19
C GLN A 51 -7.48 -3.86 10.74
N ILE A 52 -8.16 -2.83 10.21
CA ILE A 52 -8.78 -2.86 8.87
C ILE A 52 -7.85 -2.33 7.76
N ILE A 53 -7.17 -1.22 8.08
CA ILE A 53 -6.29 -0.49 7.17
C ILE A 53 -4.82 -0.71 7.60
N LYS A 54 -4.12 -1.55 6.86
CA LYS A 54 -2.72 -1.89 7.14
C LYS A 54 -1.70 -0.99 6.42
N ALA A 55 -2.17 -0.13 5.51
CA ALA A 55 -1.30 0.88 4.90
C ALA A 55 -1.86 2.30 5.11
N PRO A 56 -1.86 2.77 6.36
CA PRO A 56 -2.47 4.06 6.62
C PRO A 56 -1.70 5.23 6.02
N MET A 57 -2.43 6.28 5.66
CA MET A 57 -1.81 7.46 5.09
C MET A 57 -2.70 8.69 5.34
N ASP A 58 -2.07 9.84 5.50
CA ASP A 58 -2.75 11.10 5.76
C ASP A 58 -1.83 12.22 5.25
N ILE A 59 -2.36 13.43 5.19
CA ILE A 59 -1.64 14.52 4.51
C ILE A 59 -0.41 14.97 5.30
N SER A 60 -0.52 14.99 6.62
CA SER A 60 0.61 15.41 7.46
CA SER A 60 0.61 15.41 7.45
C SER A 60 1.78 14.45 7.29
N SER A 61 1.49 13.15 7.23
CA SER A 61 2.50 12.13 6.99
C SER A 61 3.12 12.28 5.61
N MET A 62 2.33 12.57 4.58
CA MET A 62 2.89 12.83 3.25
C MET A 62 3.80 14.06 3.27
N GLU A 63 3.36 15.10 3.95
CA GLU A 63 4.13 16.34 4.03
C GLU A 63 5.48 16.14 4.74
N LYS A 64 5.49 15.31 5.80
CA LYS A 64 6.69 14.88 6.48
C LYS A 64 7.62 14.12 5.54
N LYS A 65 7.09 13.14 4.79
CA LYS A 65 7.91 12.40 3.81
C LYS A 65 8.50 13.35 2.77
N LEU A 66 7.71 14.27 2.26
CA LEU A 66 8.16 15.16 1.21
C LEU A 66 9.35 15.97 1.75
N ASN A 67 9.17 16.55 2.94
CA ASN A 67 10.24 17.37 3.56
C ASN A 67 11.47 16.54 3.91
N GLY A 68 11.28 15.24 4.18
CA GLY A 68 12.38 14.35 4.50
C GLY A 68 13.09 13.79 3.28
N GLY A 69 12.70 14.20 2.08
CA GLY A 69 13.31 13.71 0.85
C GLY A 69 12.92 12.29 0.42
N LEU A 70 11.87 11.74 1.02
CA LEU A 70 11.46 10.34 0.78
C LEU A 70 10.59 10.13 -0.46
N TYR A 71 10.19 11.17 -1.16
CA TYR A 71 9.58 10.97 -2.45
C TYR A 71 10.63 11.11 -3.53
N CYS A 72 11.22 9.99 -3.91
CA CYS A 72 12.29 9.95 -4.90
C CYS A 72 11.76 10.19 -6.29
N THR A 73 10.49 9.88 -6.51
CA THR A 73 9.82 10.17 -7.78
C THR A 73 8.44 10.70 -7.48
N LYS A 74 7.86 11.40 -8.44
CA LYS A 74 6.48 11.86 -8.30
C LYS A 74 5.53 10.69 -8.17
N GLU A 75 5.83 9.60 -8.85
CA GLU A 75 4.98 8.39 -8.74
C GLU A 75 4.76 7.90 -7.30
N GLU A 76 5.79 8.00 -6.48
CA GLU A 76 5.66 7.56 -5.10
C GLU A 76 4.71 8.44 -4.29
N PHE A 77 4.73 9.73 -4.59
CA PHE A 77 3.80 10.74 -4.04
C PHE A 77 2.38 10.43 -4.48
N VAL A 78 2.18 10.18 -5.78
CA VAL A 78 0.88 9.83 -6.26
C VAL A 78 0.35 8.58 -5.54
N ASN A 79 1.19 7.55 -5.42
CA ASN A 79 0.77 6.28 -4.83
C ASN A 79 0.28 6.48 -3.37
N ASP A 80 0.96 7.31 -2.60
CA ASP A 80 0.57 7.59 -1.22
C ASP A 80 -0.76 8.34 -1.18
N MET A 81 -0.93 9.33 -2.07
CA MET A 81 -2.18 10.08 -2.11
C MET A 81 -3.34 9.15 -2.46
N LYS A 82 -3.14 8.31 -3.47
CA LYS A 82 -4.19 7.40 -3.90
C LYS A 82 -4.46 6.34 -2.81
N THR A 83 -3.44 5.93 -2.07
CA THR A 83 -3.65 5.02 -0.95
C THR A 83 -4.54 5.64 0.11
N MET A 84 -4.33 6.92 0.42
CA MET A 84 -5.11 7.60 1.43
C MET A 84 -6.59 7.57 1.00
N PHE A 85 -6.84 7.88 -0.28
CA PHE A 85 -8.23 7.83 -0.76
C PHE A 85 -8.81 6.40 -0.73
N ARG A 86 -8.06 5.40 -1.18
CA ARG A 86 -8.52 4.04 -1.17
C ARG A 86 -8.87 3.57 0.23
N ASN A 87 -8.05 3.98 1.21
CA ASN A 87 -8.31 3.60 2.61
C ASN A 87 -9.64 4.17 3.09
N CYS A 88 -9.92 5.41 2.68
CA CYS A 88 -11.16 6.07 3.11
C CYS A 88 -12.41 5.33 2.63
N ARG A 89 -12.38 4.92 1.38
CA ARG A 89 -13.47 4.19 0.75
C ARG A 89 -13.60 2.81 1.39
N LYS A 90 -12.46 2.15 1.61
CA LYS A 90 -12.46 0.80 2.17
C LYS A 90 -13.06 0.82 3.58
N TYR A 91 -12.62 1.77 4.41
CA TYR A 91 -13.08 1.84 5.80
C TYR A 91 -14.50 2.39 5.94
N ASN A 92 -14.78 3.51 5.27
CA ASN A 92 -16.05 4.20 5.46
C ASN A 92 -17.20 3.67 4.61
N GLY A 93 -16.88 2.98 3.52
CA GLY A 93 -17.90 2.49 2.58
C GLY A 93 -18.36 3.52 1.57
N GLU A 94 -18.99 3.03 0.50
CA GLU A 94 -19.42 3.82 -0.66
C GLU A 94 -20.38 4.96 -0.33
N SER A 95 -21.27 4.77 0.64
CA SER A 95 -22.28 5.77 0.92
C SER A 95 -21.83 6.82 1.93
N SER A 96 -20.63 6.68 2.48
CA SER A 96 -20.20 7.63 3.50
C SER A 96 -20.00 9.01 2.90
N GLU A 97 -20.42 10.03 3.65
CA GLU A 97 -20.09 11.42 3.35
C GLU A 97 -18.57 11.62 3.13
N TYR A 98 -17.75 10.85 3.85
CA TYR A 98 -16.28 10.96 3.77
C TYR A 98 -15.75 10.44 2.45
N THR A 99 -16.38 9.38 1.95
CA THR A 99 -16.03 8.83 0.67
C THR A 99 -16.38 9.82 -0.42
N LYS A 100 -17.50 10.50 -0.30
CA LYS A 100 -17.81 11.58 -1.26
C LYS A 100 -16.75 12.69 -1.25
N MET A 101 -16.28 13.03 -0.06
CA MET A 101 -15.21 14.03 0.11
C MET A 101 -13.91 13.56 -0.52
N SER A 102 -13.58 12.29 -0.28
CA SER A 102 -12.40 11.67 -0.85
C SER A 102 -12.43 11.73 -2.38
N ASP A 103 -13.58 11.39 -2.96
CA ASP A 103 -13.76 11.42 -4.39
C ASP A 103 -13.57 12.79 -4.95
N ASN A 104 -14.17 13.80 -4.30
CA ASN A 104 -14.00 15.18 -4.72
C ASN A 104 -12.52 15.61 -4.67
N LEU A 105 -11.87 15.30 -3.56
CA LEU A 105 -10.47 15.67 -3.35
C LEU A 105 -9.54 14.95 -4.34
N GLU A 106 -9.88 13.71 -4.67
CA GLU A 106 -9.07 12.93 -5.61
C GLU A 106 -9.13 13.52 -7.03
N ARG A 107 -10.29 13.99 -7.47
CA ARG A 107 -10.41 14.62 -8.80
C ARG A 107 -9.61 15.92 -8.81
N CYS A 108 -9.69 16.68 -7.71
CA CYS A 108 -8.91 17.92 -7.56
C CYS A 108 -7.41 17.62 -7.62
N PHE A 109 -7.00 16.56 -6.92
CA PHE A 109 -5.62 16.11 -6.91
C PHE A 109 -5.12 15.72 -8.31
N HIS A 110 -5.93 14.96 -9.08
CA HIS A 110 -5.54 14.57 -10.41
C HIS A 110 -5.28 15.77 -11.27
N ARG A 111 -6.15 16.75 -11.20
CA ARG A 111 -6.01 17.94 -12.02
C ARG A 111 -4.77 18.73 -11.63
N ALA A 112 -4.57 18.90 -10.33
CA ALA A 112 -3.39 19.61 -9.84
C ALA A 112 -2.08 18.93 -10.26
N MET A 113 -2.07 17.61 -10.22
CA MET A 113 -0.89 16.78 -10.51
C MET A 113 -0.40 16.97 -11.97
N MET A 114 -1.34 17.26 -12.86
CA MET A 114 -1.02 17.36 -14.28
C MET A 114 -0.47 18.75 -14.67
N LYS A 115 -0.69 19.76 -13.82
CA LYS A 115 -0.06 21.10 -13.95
C LYS A 115 1.31 21.16 -13.26
N ASP B 16 16.73 -17.95 15.69
CA ASP B 16 15.63 -18.92 15.36
C ASP B 16 14.93 -18.51 14.07
N ASP B 17 14.24 -19.47 13.46
CA ASP B 17 13.65 -19.28 12.15
C ASP B 17 12.54 -18.25 12.14
N PHE B 18 11.77 -18.18 13.22
CA PHE B 18 10.75 -17.13 13.39
C PHE B 18 11.35 -15.73 13.20
N THR B 19 12.35 -15.39 14.00
CA THR B 19 13.00 -14.05 13.96
C THR B 19 13.64 -13.80 12.61
N ALA B 20 14.31 -14.83 12.08
CA ALA B 20 14.95 -14.76 10.79
C ALA B 20 13.93 -14.47 9.69
N MET B 21 12.82 -15.21 9.67
CA MET B 21 11.83 -15.02 8.62
C MET B 21 11.07 -13.70 8.78
N TYR B 22 10.86 -13.27 10.01
CA TYR B 22 10.25 -11.96 10.24
C TYR B 22 11.17 -10.85 9.68
N LYS B 23 12.49 -11.02 9.83
CA LYS B 23 13.45 -10.06 9.27
C LYS B 23 13.32 -10.00 7.76
N VAL B 24 13.28 -11.17 7.10
CA VAL B 24 13.05 -11.29 5.64
C VAL B 24 11.76 -10.58 5.22
N LEU B 25 10.68 -10.81 5.98
CA LEU B 25 9.39 -10.21 5.66
C LEU B 25 9.43 -8.67 5.74
N ASP B 26 10.02 -8.15 6.81
CA ASP B 26 10.20 -6.71 7.00
C ASP B 26 11.03 -6.10 5.85
N VAL B 27 12.04 -6.82 5.37
CA VAL B 27 12.88 -6.33 4.26
C VAL B 27 12.05 -6.26 2.97
N VAL B 28 11.21 -7.25 2.74
CA VAL B 28 10.34 -7.24 1.57
C VAL B 28 9.28 -6.13 1.73
N LYS B 29 8.67 -6.03 2.91
CA LYS B 29 7.69 -5.00 3.19
C LYS B 29 8.31 -3.61 2.97
N ALA B 30 9.56 -3.42 3.43
CA ALA B 30 10.25 -2.14 3.28
C ALA B 30 10.55 -1.72 1.83
N HIS B 31 10.55 -2.65 0.90
CA HIS B 31 10.85 -2.33 -0.49
C HIS B 31 9.82 -1.39 -1.12
N LYS B 32 10.29 -0.42 -1.90
CA LYS B 32 9.42 0.57 -2.56
C LYS B 32 8.32 -0.07 -3.43
N ASP B 33 8.57 -1.24 -4.01
CA ASP B 33 7.55 -1.90 -4.82
C ASP B 33 6.62 -2.83 -4.03
N SER B 34 6.62 -2.77 -2.69
CA SER B 34 5.79 -3.71 -1.91
C SER B 34 4.31 -3.31 -1.89
N TRP B 35 4.01 -2.04 -2.15
CA TRP B 35 2.69 -1.47 -1.85
C TRP B 35 1.47 -2.25 -2.44
N PRO B 36 1.58 -2.83 -3.68
CA PRO B 36 0.41 -3.59 -4.17
C PRO B 36 0.16 -4.92 -3.45
N PHE B 37 1.11 -5.35 -2.63
CA PHE B 37 1.17 -6.72 -2.11
C PHE B 37 1.00 -6.69 -0.59
N LEU B 38 0.76 -5.51 -0.01
CA LEU B 38 0.73 -5.34 1.44
C LEU B 38 -0.51 -5.95 2.08
N GLU B 39 -1.60 -5.98 1.33
CA GLU B 39 -2.86 -6.44 1.88
C GLU B 39 -3.50 -7.40 0.90
N PRO B 40 -4.47 -8.22 1.37
CA PRO B 40 -5.23 -9.04 0.45
C PRO B 40 -5.83 -8.21 -0.69
N VAL B 41 -5.84 -8.81 -1.88
CA VAL B 41 -6.31 -8.12 -3.05
C VAL B 41 -7.81 -7.83 -2.91
N ASP B 42 -8.19 -6.59 -3.21
CA ASP B 42 -9.59 -6.14 -3.18
C ASP B 42 -10.13 -6.34 -4.59
N GLU B 43 -11.12 -7.22 -4.74
CA GLU B 43 -11.70 -7.52 -6.04
C GLU B 43 -12.29 -6.32 -6.80
N SER B 44 -12.61 -5.21 -6.13
CA SER B 44 -13.11 -4.06 -6.88
C SER B 44 -12.01 -3.26 -7.61
N TYR B 45 -10.74 -3.58 -7.34
CA TYR B 45 -9.61 -3.02 -8.09
C TYR B 45 -8.84 -4.14 -8.81
N ALA B 46 -9.45 -5.34 -8.86
CA ALA B 46 -8.84 -6.57 -9.38
C ALA B 46 -9.96 -7.52 -9.76
N PRO B 47 -10.73 -7.15 -10.81
CA PRO B 47 -11.90 -7.92 -11.20
C PRO B 47 -11.65 -9.40 -11.34
N ASN B 48 -12.58 -10.20 -10.82
CA ASN B 48 -12.52 -11.66 -10.89
C ASN B 48 -11.33 -12.36 -10.17
N TYR B 49 -10.60 -11.62 -9.35
CA TYR B 49 -9.36 -12.14 -8.75
C TYR B 49 -9.50 -13.50 -8.05
N TYR B 50 -10.53 -13.66 -7.23
CA TYR B 50 -10.65 -14.87 -6.39
C TYR B 50 -11.19 -16.07 -7.17
N GLN B 51 -11.71 -15.82 -8.37
CA GLN B 51 -12.03 -16.91 -9.29
C GLN B 51 -10.79 -17.44 -10.00
N ILE B 52 -9.83 -16.57 -10.27
CA ILE B 52 -8.61 -16.97 -10.97
C ILE B 52 -7.55 -17.53 -9.99
N ILE B 53 -7.39 -16.87 -8.84
CA ILE B 53 -6.31 -17.17 -7.89
C ILE B 53 -6.88 -17.92 -6.67
N LYS B 54 -6.52 -19.21 -6.56
CA LYS B 54 -7.10 -20.12 -5.57
C LYS B 54 -6.37 -20.14 -4.22
N ALA B 55 -5.13 -19.67 -4.21
CA ALA B 55 -4.32 -19.55 -2.99
C ALA B 55 -3.78 -18.10 -2.88
N PRO B 56 -4.67 -17.16 -2.53
CA PRO B 56 -4.22 -15.79 -2.44
C PRO B 56 -3.24 -15.65 -1.29
N MET B 57 -2.31 -14.70 -1.45
CA MET B 57 -1.33 -14.42 -0.43
C MET B 57 -0.88 -12.98 -0.52
N ASP B 58 -0.54 -12.40 0.63
CA ASP B 58 -0.04 -11.06 0.65
C ASP B 58 0.79 -10.90 1.90
N ILE B 59 1.47 -9.77 2.00
CA ILE B 59 2.41 -9.54 3.14
C ILE B 59 1.74 -9.51 4.50
N SER B 60 0.56 -8.88 4.57
CA SER B 60 -0.20 -8.78 5.81
C SER B 60 -0.56 -10.19 6.33
N SER B 61 -1.04 -11.04 5.43
CA SER B 61 -1.37 -12.41 5.76
C SER B 61 -0.14 -13.19 6.24
N MET B 62 1.02 -12.98 5.62
CA MET B 62 2.22 -13.71 6.02
C MET B 62 2.63 -13.26 7.43
N GLU B 63 2.44 -11.98 7.69
CA GLU B 63 2.80 -11.44 9.00
C GLU B 63 1.90 -11.99 10.12
N LYS B 64 0.60 -12.05 9.87
CA LYS B 64 -0.35 -12.67 10.77
C LYS B 64 -0.06 -14.16 10.99
N LYS B 65 0.41 -14.86 9.97
CA LYS B 65 0.67 -16.29 10.10
C LYS B 65 1.94 -16.48 10.91
N LEU B 66 2.94 -15.65 10.65
CA LEU B 66 4.11 -15.62 11.53
C LEU B 66 3.75 -15.39 12.99
N ASN B 67 3.01 -14.31 13.28
CA ASN B 67 2.63 -13.97 14.63
C ASN B 67 1.71 -15.04 15.25
N GLY B 68 0.89 -15.69 14.42
CA GLY B 68 -0.07 -16.66 14.89
C GLY B 68 0.50 -18.06 15.03
N GLY B 69 1.80 -18.24 14.80
CA GLY B 69 2.41 -19.56 14.85
C GLY B 69 1.82 -20.57 13.84
N LEU B 70 1.42 -20.08 12.68
CA LEU B 70 0.79 -20.88 11.64
C LEU B 70 1.74 -21.41 10.58
N TYR B 71 3.03 -21.19 10.76
CA TYR B 71 4.07 -21.91 10.00
C TYR B 71 4.73 -22.97 10.85
N CYS B 72 4.77 -24.20 10.33
CA CYS B 72 5.46 -25.30 11.00
C CYS B 72 6.93 -25.30 10.66
N THR B 73 7.31 -24.80 9.49
CA THR B 73 8.71 -24.74 9.10
C THR B 73 8.98 -23.50 8.25
N LYS B 74 10.27 -23.22 8.10
CA LYS B 74 10.77 -22.11 7.25
C LYS B 74 10.26 -22.23 5.83
N GLU B 75 10.37 -23.41 5.26
CA GLU B 75 9.98 -23.67 3.87
C GLU B 75 8.50 -23.31 3.59
N GLU B 76 7.63 -23.46 4.58
CA GLU B 76 6.21 -23.18 4.43
C GLU B 76 6.01 -21.68 4.24
N PHE B 77 6.78 -20.90 4.95
CA PHE B 77 6.79 -19.43 4.74
C PHE B 77 7.33 -19.03 3.37
N VAL B 78 8.47 -19.62 2.99
CA VAL B 78 9.07 -19.38 1.68
C VAL B 78 8.05 -19.71 0.57
N ASN B 79 7.29 -20.79 0.73
CA ASN B 79 6.26 -21.13 -0.25
C ASN B 79 5.18 -20.10 -0.36
N ASP B 80 4.81 -19.50 0.76
CA ASP B 80 3.84 -18.41 0.72
C ASP B 80 4.39 -17.24 -0.07
N MET B 81 5.63 -16.85 0.20
CA MET B 81 6.24 -15.76 -0.62
C MET B 81 6.24 -16.06 -2.10
N LYS B 82 6.67 -17.26 -2.47
CA LYS B 82 6.70 -17.70 -3.84
C LYS B 82 5.31 -17.69 -4.48
N THR B 83 4.32 -18.15 -3.73
CA THR B 83 2.91 -18.09 -4.14
C THR B 83 2.43 -16.67 -4.42
N MET B 84 2.81 -15.74 -3.56
CA MET B 84 2.42 -14.35 -3.78
C MET B 84 2.93 -13.86 -5.16
N PHE B 85 4.21 -14.10 -5.47
CA PHE B 85 4.79 -13.69 -6.76
C PHE B 85 4.17 -14.40 -7.94
N ARG B 86 3.98 -15.71 -7.81
CA ARG B 86 3.38 -16.51 -8.88
C ARG B 86 1.95 -16.05 -9.17
N ASN B 87 1.16 -15.81 -8.12
CA ASN B 87 -0.18 -15.25 -8.29
C ASN B 87 -0.16 -13.96 -9.10
N CYS B 88 0.80 -13.10 -8.81
CA CYS B 88 0.85 -11.79 -9.50
C CYS B 88 1.04 -11.95 -10.99
N ARG B 89 1.99 -12.79 -11.39
CA ARG B 89 2.25 -13.05 -12.78
C ARG B 89 1.05 -13.74 -13.43
N LYS B 90 0.38 -14.63 -12.70
CA LYS B 90 -0.73 -15.40 -13.26
C LYS B 90 -1.92 -14.47 -13.50
N TYR B 91 -2.20 -13.61 -12.52
CA TYR B 91 -3.34 -12.73 -12.63
C TYR B 91 -3.08 -11.58 -13.59
N ASN B 92 -1.96 -10.87 -13.43
CA ASN B 92 -1.72 -9.64 -14.18
C ASN B 92 -1.01 -9.83 -15.55
N GLY B 93 -0.38 -10.96 -15.76
CA GLY B 93 0.33 -11.21 -17.02
C GLY B 93 1.81 -10.97 -16.97
N GLU B 94 2.50 -11.62 -17.89
CA GLU B 94 3.96 -11.59 -17.95
C GLU B 94 4.55 -10.18 -17.94
N SER B 95 3.95 -9.28 -18.68
CA SER B 95 4.54 -7.97 -18.97
C SER B 95 3.87 -6.84 -18.18
N SER B 96 3.00 -7.21 -17.25
CA SER B 96 2.30 -6.25 -16.41
C SER B 96 3.32 -5.44 -15.63
N GLU B 97 3.01 -4.17 -15.45
CA GLU B 97 3.76 -3.32 -14.52
C GLU B 97 3.76 -3.92 -13.10
N TYR B 98 2.68 -4.60 -12.74
CA TYR B 98 2.61 -5.26 -11.45
C TYR B 98 3.56 -6.43 -11.38
N THR B 99 3.75 -7.14 -12.48
CA THR B 99 4.70 -8.26 -12.51
C THR B 99 6.13 -7.76 -12.42
N LYS B 100 6.43 -6.63 -13.06
CA LYS B 100 7.74 -6.02 -12.93
C LYS B 100 8.02 -5.68 -11.45
N MET B 101 7.02 -5.14 -10.76
CA MET B 101 7.16 -4.86 -9.35
C MET B 101 7.40 -6.16 -8.57
N SER B 102 6.62 -7.18 -8.88
CA SER B 102 6.74 -8.46 -8.22
C SER B 102 8.15 -9.01 -8.40
N ASP B 103 8.69 -8.85 -9.61
CA ASP B 103 10.04 -9.37 -9.91
C ASP B 103 11.12 -8.63 -9.09
N ASN B 104 10.98 -7.32 -8.91
CA ASN B 104 11.86 -6.59 -8.00
C ASN B 104 11.73 -7.05 -6.56
N LEU B 105 10.50 -7.29 -6.09
CA LEU B 105 10.30 -7.80 -4.72
C LEU B 105 10.88 -9.19 -4.55
N GLU B 106 10.72 -10.00 -5.58
CA GLU B 106 11.25 -11.34 -5.56
C GLU B 106 12.79 -11.33 -5.46
N ARG B 107 13.46 -10.50 -6.25
CA ARG B 107 14.89 -10.28 -6.05
C ARG B 107 15.25 -9.83 -4.62
N CYS B 108 14.50 -8.88 -4.09
CA CYS B 108 14.70 -8.40 -2.72
C CYS B 108 14.61 -9.56 -1.71
N PHE B 109 13.63 -10.43 -1.91
CA PHE B 109 13.40 -11.63 -1.10
C PHE B 109 14.55 -12.62 -1.17
N HIS B 110 14.97 -12.96 -2.39
CA HIS B 110 16.06 -13.90 -2.59
C HIS B 110 17.36 -13.43 -1.92
N ARG B 111 17.62 -12.13 -1.99
CA ARG B 111 18.77 -11.53 -1.39
C ARG B 111 18.64 -11.61 0.12
N ALA B 112 17.48 -11.22 0.65
CA ALA B 112 17.19 -11.34 2.08
C ALA B 112 17.40 -12.77 2.60
N MET B 113 17.03 -13.75 1.82
CA MET B 113 17.21 -15.15 2.20
C MET B 113 18.68 -15.60 2.20
N MET B 114 19.59 -14.83 1.59
CA MET B 114 21.05 -15.18 1.63
C MET B 114 21.75 -14.72 2.92
N LYS B 115 21.37 -13.53 3.39
CA LYS B 115 22.22 -12.65 4.21
C LYS B 115 21.50 -12.25 5.50
C1 EDO C . -11.64 8.95 6.77
C1 EDO C . -11.28 8.91 7.10
O1 EDO C . -11.48 7.77 7.57
O1 EDO C . -11.46 7.54 7.49
C2 EDO C . -11.44 10.15 7.65
C2 EDO C . -11.72 9.83 8.23
O2 EDO C . -10.38 9.89 8.59
O2 EDO C . -13.15 9.82 8.37
C1 EDO D . 8.82 -21.59 11.34
O1 EDO D . 8.78 -21.65 12.80
C2 EDO D . 9.86 -20.53 10.94
O2 EDO D . 9.36 -19.52 10.09
C1 EDO E . -2.48 -8.43 -8.32
C1 EDO E . -1.93 -8.50 -8.00
O1 EDO E . -3.74 -7.90 -7.84
O1 EDO E . -3.18 -8.17 -8.58
C2 EDO E . -1.32 -7.72 -7.66
C2 EDO E . -1.31 -7.32 -7.28
O2 EDO E . -1.41 -7.92 -6.25
O2 EDO E . -1.40 -6.11 -8.05
#